data_1O5E
#
_entry.id   1O5E
#
_cell.length_a   58.77
_cell.length_b   47.88
_cell.length_c   63.33
_cell.angle_alpha   90.0
_cell.angle_beta   104.77
_cell.angle_gamma   90.0
#
_symmetry.space_group_name_H-M   'P 1 21 1'
#
loop_
_entity.id
_entity.type
_entity.pdbx_description
1 polymer 'Serine protease hepsin'
2 polymer 'Serine protease hepsin'
3 non-polymer 6-CHLORO-2-(2-HYDROXY-BIPHENYL-3-YL)-1H-INDOLE-5-CARBOXAMIDINE
4 water water
#
loop_
_entity_poly.entity_id
_entity_poly.type
_entity_poly.pdbx_seq_one_letter_code
_entity_poly.pdbx_strand_id
1 'polypeptide(L)'
;SDQEPLYPVQVSSADARLMVFDKTEGTWRLLCSSRSNARVAGLSCEEMGFLRALTHSELDVRTAGAAGTSGFFCVDEGRL
PHTQRLLEVISVCDCPRGRFLAAICQDCGRRKLP
;
L
2 'polypeptide(L)'
;IVGGRDTSLGRWPWQVSLRYDGAHLCGGSLLSGDWVLTAAHCFPERNRVLSRWRVFAGAVAQASPHGLQLGVQAVVYHGG
YLPFRDPNSEENSNDIALVHLSSPLPLTEYIQPVCLPAAGQALVDGKICTVTGWGNTQYYGQQAGVLQEARVPIISNDVC
NGADFYGNQIKPKMFCAGYPEGGIDACQGDSGGPFVCEDSISRTPRWRLCGIVSWGTGCALAQKPGVYTKVSDFREWIFQ
AIKTHSEASGMVTQL
;
H
#
# COMPACT_ATOMS: atom_id res chain seq x y z
N PRO A 5 -5.36 19.70 -4.51
CA PRO A 5 -4.96 18.26 -4.69
C PRO A 5 -3.65 18.02 -3.93
N LEU A 6 -2.71 18.96 -3.90
CA LEU A 6 -1.45 18.69 -3.12
C LEU A 6 -1.81 18.22 -1.70
N TYR A 7 -1.00 17.36 -1.17
CA TYR A 7 -1.26 16.85 0.18
C TYR A 7 -0.62 17.94 1.08
N PRO A 8 -1.21 18.21 2.22
CA PRO A 8 -0.72 19.28 3.13
C PRO A 8 0.63 19.00 3.74
N VAL A 9 1.07 17.78 3.75
CA VAL A 9 2.41 17.49 4.33
C VAL A 9 3.29 17.05 3.12
N GLN A 10 4.44 17.66 2.96
CA GLN A 10 5.36 17.33 1.83
C GLN A 10 6.78 17.16 2.35
N VAL A 11 7.65 16.55 1.58
CA VAL A 11 9.06 16.37 2.02
C VAL A 11 9.82 16.73 0.75
N SER A 12 10.91 17.43 0.92
CA SER A 12 11.75 17.86 -0.20
C SER A 12 12.61 16.75 -0.75
N SER A 13 12.78 16.75 -2.04
CA SER A 13 13.61 15.69 -2.65
C SER A 13 15.02 16.21 -2.76
N ALA A 14 15.27 17.40 -2.31
CA ALA A 14 16.66 17.93 -2.41
C ALA A 14 17.33 17.72 -1.08
N ASP A 15 16.64 18.02 -0.01
CA ASP A 15 17.25 17.83 1.35
C ASP A 15 16.34 17.19 2.38
N ALA A 16 15.29 16.55 1.93
CA ALA A 16 14.28 15.86 2.83
C ALA A 16 13.65 16.73 3.94
N ARG A 17 13.70 18.04 3.80
CA ARG A 17 13.08 18.85 4.87
C ARG A 17 11.55 18.66 4.77
N LEU A 18 10.91 18.64 5.91
CA LEU A 18 9.43 18.46 5.93
C LEU A 18 8.83 19.89 5.84
N MET A 19 7.74 19.99 5.13
CA MET A 19 6.97 21.23 4.89
C MET A 19 5.50 20.94 5.20
N VAL A 20 4.83 21.79 5.93
CA VAL A 20 3.42 21.53 6.25
C VAL A 20 2.73 22.79 5.83
N PHE A 21 1.61 22.57 5.22
CA PHE A 21 0.76 23.68 4.69
C PHE A 21 0.00 24.38 5.81
N ASP A 22 0.03 25.68 5.68
CA ASP A 22 -0.61 26.60 6.63
C ASP A 22 -1.70 27.22 5.79
N LYS A 23 -2.90 26.70 5.90
CA LYS A 23 -4.07 27.21 5.09
C LYS A 23 -4.45 28.67 5.34
N THR A 24 -4.08 29.25 6.45
CA THR A 24 -4.47 30.67 6.65
C THR A 24 -3.46 31.55 5.91
N GLU A 25 -2.40 30.95 5.48
CA GLU A 25 -1.36 31.73 4.77
C GLU A 25 -1.29 31.34 3.31
N GLY A 26 -1.51 30.09 3.09
CA GLY A 26 -1.46 29.53 1.72
C GLY A 26 0.04 29.23 1.51
N THR A 27 0.80 29.12 2.58
CA THR A 27 2.27 28.84 2.54
C THR A 27 2.64 27.54 3.26
N TRP A 28 3.85 27.13 3.04
CA TRP A 28 4.36 25.89 3.68
C TRP A 28 5.27 26.43 4.78
N ARG A 29 5.24 25.75 5.87
CA ARG A 29 6.05 26.08 7.04
C ARG A 29 6.92 24.85 7.34
N LEU A 30 8.03 25.12 7.97
CA LEU A 30 9.01 24.07 8.35
C LEU A 30 8.56 23.62 9.75
N LEU A 31 9.07 22.50 10.14
CA LEU A 31 8.77 21.86 11.47
C LEU A 31 10.01 22.05 12.34
N CYS A 32 9.80 22.80 13.38
CA CYS A 32 10.90 23.09 14.31
C CYS A 32 11.31 21.79 14.97
N SER A 33 12.61 21.69 15.12
CA SER A 33 13.23 20.51 15.75
C SER A 33 12.79 20.44 17.24
N SER A 34 12.61 19.25 17.77
CA SER A 34 12.19 19.05 19.16
C SER A 34 12.79 17.74 19.61
N ARG A 35 12.64 17.44 20.88
CA ARG A 35 13.19 16.17 21.32
C ARG A 35 12.32 15.06 20.77
N SER A 36 11.17 15.35 20.21
CA SER A 36 10.34 14.22 19.67
C SER A 36 10.53 13.99 18.14
N ASN A 37 11.57 14.54 17.61
CA ASN A 37 11.88 14.40 16.18
C ASN A 37 11.65 13.04 15.59
N ALA A 38 12.09 12.01 16.26
CA ALA A 38 11.88 10.62 15.68
C ALA A 38 10.45 10.24 15.53
N ARG A 39 9.67 10.60 16.48
CA ARG A 39 8.21 10.25 16.41
C ARG A 39 7.56 11.12 15.35
N VAL A 40 7.98 12.35 15.28
CA VAL A 40 7.41 13.29 14.27
C VAL A 40 7.82 12.86 12.83
N ALA A 41 9.04 12.41 12.64
CA ALA A 41 9.55 11.95 11.31
C ALA A 41 8.73 10.68 10.97
N GLY A 42 8.60 9.78 11.90
CA GLY A 42 7.82 8.52 11.69
C GLY A 42 6.36 8.81 11.33
N LEU A 43 5.75 9.68 12.11
CA LEU A 43 4.34 10.06 11.91
C LEU A 43 4.23 10.82 10.55
N SER A 44 5.08 11.74 10.24
CA SER A 44 5.01 12.48 8.93
C SER A 44 5.09 11.52 7.74
N CYS A 45 5.96 10.54 7.82
CA CYS A 45 6.12 9.55 6.71
C CYS A 45 4.85 8.70 6.61
N GLU A 46 4.34 8.24 7.72
CA GLU A 46 3.08 7.42 7.65
C GLU A 46 1.91 8.25 6.98
N GLU A 47 1.77 9.44 7.49
CA GLU A 47 0.76 10.45 7.06
C GLU A 47 0.73 10.57 5.54
N MET A 48 1.91 10.68 5.02
CA MET A 48 2.05 10.83 3.54
C MET A 48 1.88 9.59 2.74
N GLY A 49 1.75 8.48 3.40
CA GLY A 49 1.58 7.19 2.68
C GLY A 49 2.88 6.44 2.49
N PHE A 50 3.90 6.78 3.25
CA PHE A 50 5.20 6.03 3.09
C PHE A 50 5.11 5.01 4.25
N LEU A 51 5.89 3.96 4.28
CA LEU A 51 5.71 3.01 5.41
C LEU A 51 6.37 3.46 6.70
N ARG A 52 7.53 4.01 6.53
CA ARG A 52 8.29 4.47 7.70
C ARG A 52 9.35 5.46 7.31
N ALA A 53 9.96 5.98 8.33
CA ALA A 53 11.05 6.97 8.12
C ALA A 53 12.25 6.05 8.33
N LEU A 54 13.23 6.20 7.51
CA LEU A 54 14.47 5.36 7.63
C LEU A 54 15.39 6.19 8.54
N THR A 55 15.40 7.50 8.36
CA THR A 55 16.25 8.33 9.23
C THR A 55 15.72 9.78 9.14
N HIS A 56 16.23 10.64 9.96
CA HIS A 56 15.82 12.07 9.98
C HIS A 56 17.03 12.77 10.49
N SER A 57 17.09 14.04 10.27
CA SER A 57 18.27 14.81 10.74
C SER A 57 17.78 16.21 11.10
N GLU A 58 18.66 17.10 11.42
CA GLU A 58 18.25 18.47 11.78
C GLU A 58 18.98 19.44 10.88
N LEU A 59 18.27 20.29 10.19
CA LEU A 59 18.93 21.27 9.28
C LEU A 59 18.97 22.64 10.01
N ASP A 60 19.71 23.55 9.45
CA ASP A 60 19.86 24.89 10.02
C ASP A 60 19.49 25.87 8.96
N VAL A 61 18.51 26.66 9.26
CA VAL A 61 18.04 27.65 8.28
C VAL A 61 19.24 28.48 7.83
N ARG A 62 20.10 28.82 8.75
CA ARG A 62 21.29 29.61 8.33
C ARG A 62 22.33 28.99 7.38
N THR A 63 22.32 27.68 7.26
CA THR A 63 23.29 27.02 6.36
C THR A 63 22.54 26.31 5.24
N ALA A 64 21.27 26.06 5.46
CA ALA A 64 20.44 25.37 4.43
C ALA A 64 19.52 26.32 3.69
N GLY A 65 19.04 27.35 4.33
CA GLY A 65 18.13 28.32 3.65
C GLY A 65 16.69 27.99 4.06
N ALA A 66 15.75 28.74 3.54
CA ALA A 66 14.31 28.47 3.91
C ALA A 66 13.63 27.63 2.84
N ALA A 67 14.09 27.90 1.65
CA ALA A 67 13.62 27.23 0.39
C ALA A 67 12.13 27.50 0.10
N GLY A 68 11.75 28.73 0.33
CA GLY A 68 10.33 29.14 0.07
C GLY A 68 9.28 28.77 1.10
N THR A 69 9.61 28.83 2.36
CA THR A 69 8.61 28.49 3.37
C THR A 69 8.42 29.81 4.10
N SER A 70 7.46 29.83 4.97
CA SER A 70 7.20 31.07 5.72
C SER A 70 6.96 30.79 7.17
N GLY A 71 8.00 30.61 7.93
CA GLY A 71 7.75 30.35 9.36
C GLY A 71 7.97 28.90 9.65
N PHE A 72 7.63 28.65 10.88
CA PHE A 72 7.73 27.35 11.55
C PHE A 72 6.47 26.99 12.26
N PHE A 73 6.41 25.71 12.45
CA PHE A 73 5.29 25.04 13.14
C PHE A 73 6.04 24.30 14.23
N CYS A 74 5.43 24.13 15.34
CA CYS A 74 6.08 23.40 16.45
C CYS A 74 5.07 22.33 16.82
N VAL A 75 5.56 21.26 17.36
CA VAL A 75 4.67 20.16 17.74
C VAL A 75 4.48 20.15 19.26
N ASP A 76 3.26 19.90 19.63
CA ASP A 76 2.91 19.84 21.06
C ASP A 76 3.29 18.39 21.33
N GLU A 77 4.42 18.29 21.95
CA GLU A 77 5.00 16.96 22.30
C GLU A 77 4.15 16.16 23.28
N GLY A 78 3.51 16.85 24.18
CA GLY A 78 2.68 16.10 25.15
C GLY A 78 1.43 15.54 24.52
N ARG A 79 1.04 16.10 23.43
CA ARG A 79 -0.19 15.58 22.79
C ARG A 79 0.24 14.62 21.67
N LEU A 80 1.39 14.90 21.11
CA LEU A 80 1.99 14.07 20.01
C LEU A 80 1.68 12.52 20.06
N PRO A 81 1.88 11.88 21.19
CA PRO A 81 1.54 10.44 21.33
C PRO A 81 0.03 10.06 21.40
N HIS A 82 -0.85 10.97 21.09
CA HIS A 82 -2.33 10.68 21.12
C HIS A 82 -2.90 10.82 19.74
N THR A 83 -2.05 11.31 18.91
CA THR A 83 -2.33 11.58 17.50
C THR A 83 -2.18 10.47 16.48
N GLN A 84 -2.88 10.73 15.41
CA GLN A 84 -2.91 9.81 14.23
C GLN A 84 -2.48 10.79 13.14
N ARG A 85 -2.90 12.05 13.26
CA ARG A 85 -2.50 13.03 12.22
C ARG A 85 -1.77 14.20 12.80
N LEU A 86 -0.69 14.47 12.15
CA LEU A 86 0.23 15.58 12.50
C LEU A 86 -0.43 16.95 12.61
N LEU A 87 -1.23 17.26 11.64
CA LEU A 87 -1.90 18.59 11.66
C LEU A 87 -2.70 18.87 12.91
N GLU A 88 -3.06 17.88 13.68
CA GLU A 88 -3.85 18.27 14.86
C GLU A 88 -2.99 18.60 16.08
N VAL A 89 -1.69 18.43 16.01
CA VAL A 89 -0.83 18.76 17.20
C VAL A 89 0.26 19.74 16.87
N ILE A 90 0.08 20.50 15.83
CA ILE A 90 1.13 21.47 15.44
C ILE A 90 0.65 22.95 15.57
N SER A 91 1.54 23.88 15.82
CA SER A 91 1.12 25.32 15.96
C SER A 91 2.20 26.23 15.47
N VAL A 92 1.85 27.40 15.04
CA VAL A 92 2.90 28.31 14.54
C VAL A 92 3.77 28.60 15.74
N CYS A 93 5.01 28.85 15.47
CA CYS A 93 5.95 29.14 16.58
C CYS A 93 7.10 29.93 15.97
N ASP A 94 7.98 30.35 16.85
CA ASP A 94 9.16 31.16 16.40
C ASP A 94 10.42 30.34 16.15
N CYS A 95 10.47 29.14 16.65
CA CYS A 95 11.67 28.29 16.44
C CYS A 95 13.00 29.08 16.49
N PRO A 96 13.30 29.63 17.66
CA PRO A 96 14.48 30.53 17.84
C PRO A 96 15.76 29.86 17.35
N ARG A 97 15.88 28.58 17.60
CA ARG A 97 17.10 27.86 17.14
C ARG A 97 17.20 27.82 15.61
N GLY A 98 16.13 28.00 14.89
CA GLY A 98 16.22 27.96 13.41
C GLY A 98 16.67 26.61 12.91
N ARG A 99 16.30 25.59 13.62
CA ARG A 99 16.68 24.20 13.22
C ARG A 99 15.42 23.42 12.99
N PHE A 100 15.33 22.80 11.84
CA PHE A 100 14.14 22.01 11.50
C PHE A 100 14.49 20.58 11.13
N LEU A 101 13.43 19.85 11.09
CA LEU A 101 13.50 18.42 10.78
C LEU A 101 13.41 18.09 9.30
N ALA A 102 14.21 17.11 8.97
CA ALA A 102 14.32 16.57 7.60
C ALA A 102 14.01 15.06 7.85
N ALA A 103 13.25 14.46 6.99
CA ALA A 103 12.91 13.00 7.17
C ALA A 103 13.14 12.24 5.86
N ILE A 104 13.74 11.09 5.97
CA ILE A 104 14.08 10.19 4.82
C ILE A 104 13.04 9.11 5.08
N CYS A 105 12.04 9.08 4.24
CA CYS A 105 10.95 8.10 4.37
C CYS A 105 11.29 6.99 3.40
N GLN A 106 10.73 5.82 3.60
CA GLN A 106 11.03 4.71 2.67
C GLN A 106 10.43 5.12 1.29
N ASP A 107 11.20 5.06 0.22
CA ASP A 107 10.67 5.47 -1.12
C ASP A 107 9.76 4.34 -1.60
N CYS A 108 8.79 4.70 -2.38
CA CYS A 108 7.83 3.71 -2.88
C CYS A 108 7.10 4.27 -4.10
N GLY A 109 6.35 3.38 -4.71
CA GLY A 109 5.51 3.66 -5.89
C GLY A 109 6.14 4.18 -7.14
N ARG A 110 7.43 4.04 -7.29
CA ARG A 110 8.07 4.55 -8.56
C ARG A 110 8.91 3.46 -9.23
N ARG A 111 8.85 3.46 -10.53
CA ARG A 111 9.61 2.46 -11.36
C ARG A 111 11.00 3.07 -11.46
N LYS A 112 11.98 2.21 -11.53
CA LYS A 112 13.37 2.68 -11.60
C LYS A 112 14.05 2.30 -12.93
N LEU A 113 13.30 2.11 -13.98
CA LEU A 113 13.95 1.74 -15.27
C LEU A 113 14.25 3.02 -16.04
N PRO A 114 15.13 2.93 -17.00
CA PRO A 114 15.42 4.06 -17.93
C PRO A 114 14.18 4.58 -18.64
N ILE B 1 -6.31 -12.88 -14.50
CA ILE B 1 -6.85 -11.62 -15.03
C ILE B 1 -7.41 -12.04 -16.39
N VAL B 2 -8.65 -11.73 -16.54
CA VAL B 2 -9.40 -12.02 -17.77
C VAL B 2 -9.40 -10.70 -18.55
N GLY B 3 -9.20 -10.74 -19.84
CA GLY B 3 -9.21 -9.51 -20.67
C GLY B 3 -8.01 -8.54 -20.46
N GLY B 4 -6.89 -9.07 -19.99
CA GLY B 4 -5.69 -8.23 -19.74
C GLY B 4 -4.62 -8.54 -20.81
N ARG B 5 -3.43 -8.05 -20.61
CA ARG B 5 -2.29 -8.26 -21.54
C ARG B 5 -1.03 -8.63 -20.74
N ASP B 6 -0.06 -9.22 -21.40
CA ASP B 6 1.23 -9.63 -20.77
C ASP B 6 1.94 -8.32 -20.49
N THR B 7 2.59 -8.20 -19.37
CA THR B 7 3.30 -6.94 -19.06
C THR B 7 4.82 -7.28 -19.06
N SER B 8 5.68 -6.32 -18.87
CA SER B 8 7.12 -6.58 -18.85
C SER B 8 7.75 -6.27 -17.47
N LEU B 9 8.97 -6.70 -17.39
CA LEU B 9 9.85 -6.56 -16.21
C LEU B 9 9.99 -5.11 -15.81
N GLY B 10 9.87 -4.90 -14.53
CA GLY B 10 10.00 -3.56 -13.89
C GLY B 10 8.84 -2.60 -13.93
N ARG B 11 7.78 -3.05 -14.53
CA ARG B 11 6.60 -2.17 -14.63
C ARG B 11 5.79 -2.15 -13.34
N TRP B 12 5.66 -3.29 -12.74
CA TRP B 12 4.89 -3.43 -11.47
C TRP B 12 5.78 -4.16 -10.46
N PRO B 13 6.87 -3.53 -10.13
CA PRO B 13 7.99 -4.11 -9.29
C PRO B 13 7.57 -4.55 -7.89
N TRP B 14 6.39 -4.19 -7.51
CA TRP B 14 5.88 -4.57 -6.15
C TRP B 14 5.13 -5.90 -6.15
N GLN B 15 4.80 -6.39 -7.33
CA GLN B 15 4.06 -7.68 -7.40
C GLN B 15 4.90 -8.92 -7.03
N VAL B 16 4.33 -9.75 -6.20
CA VAL B 16 5.01 -11.01 -5.78
C VAL B 16 3.96 -12.14 -5.95
N SER B 17 4.44 -13.36 -5.96
CA SER B 17 3.60 -14.57 -6.10
C SER B 17 3.81 -15.32 -4.78
N LEU B 18 2.75 -15.85 -4.22
CA LEU B 18 2.83 -16.59 -2.95
C LEU B 18 2.50 -18.00 -3.41
N ARG B 19 3.44 -18.89 -3.18
CA ARG B 19 3.32 -20.32 -3.58
C ARG B 19 3.29 -21.24 -2.37
N TYR B 20 2.45 -22.24 -2.39
CA TYR B 20 2.37 -23.16 -1.24
C TYR B 20 2.71 -24.49 -1.86
N ASP B 21 3.67 -25.17 -1.31
CA ASP B 21 4.10 -26.51 -1.83
C ASP B 21 4.24 -26.51 -3.33
N GLY B 22 4.83 -25.50 -3.85
CA GLY B 22 5.00 -25.46 -5.33
C GLY B 22 3.93 -24.78 -6.16
N ALA B 23 2.72 -24.65 -5.67
CA ALA B 23 1.67 -23.98 -6.51
C ALA B 23 1.44 -22.51 -6.14
N HIS B 24 1.24 -21.71 -7.14
CA HIS B 24 0.99 -20.25 -6.99
C HIS B 24 -0.46 -20.21 -6.51
N LEU B 25 -0.68 -19.59 -5.39
CA LEU B 25 -2.06 -19.49 -4.83
C LEU B 25 -2.59 -18.05 -4.84
N CYS B 26 -1.76 -17.16 -4.42
CA CYS B 26 -2.14 -15.73 -4.35
C CYS B 26 -1.07 -14.81 -4.81
N GLY B 27 -1.48 -13.59 -4.92
CA GLY B 27 -0.59 -12.50 -5.35
C GLY B 27 -0.35 -11.72 -4.03
N GLY B 28 0.51 -10.75 -4.10
CA GLY B 28 0.81 -9.95 -2.90
C GLY B 28 1.53 -8.73 -3.42
N SER B 29 1.64 -7.80 -2.51
CA SER B 29 2.32 -6.51 -2.79
C SER B 29 3.35 -6.22 -1.71
N LEU B 30 4.51 -5.83 -2.15
CA LEU B 30 5.63 -5.49 -1.25
C LEU B 30 5.42 -4.08 -0.71
N LEU B 31 5.52 -3.98 0.59
CA LEU B 31 5.37 -2.69 1.31
C LEU B 31 6.78 -2.26 1.67
N SER B 32 7.68 -3.21 1.82
CA SER B 32 9.14 -2.92 2.16
C SER B 32 9.90 -4.19 1.67
N GLY B 33 11.18 -4.32 1.87
CA GLY B 33 11.90 -5.53 1.40
C GLY B 33 11.49 -6.79 2.17
N ASP B 34 10.94 -6.64 3.34
CA ASP B 34 10.54 -7.80 4.17
C ASP B 34 9.07 -7.97 4.52
N TRP B 35 8.22 -7.10 4.02
CA TRP B 35 6.75 -7.20 4.33
C TRP B 35 5.92 -7.16 3.05
N VAL B 36 4.96 -8.04 3.02
CA VAL B 36 4.04 -8.17 1.86
C VAL B 36 2.59 -8.09 2.35
N LEU B 37 1.80 -7.32 1.65
CA LEU B 37 0.38 -7.17 2.01
C LEU B 37 -0.42 -8.08 1.05
N THR B 38 -1.24 -8.92 1.59
CA THR B 38 -2.07 -9.84 0.77
C THR B 38 -3.46 -9.99 1.46
N ALA B 39 -4.16 -11.02 1.06
CA ALA B 39 -5.52 -11.28 1.62
C ALA B 39 -5.48 -12.41 2.60
N ALA B 40 -6.22 -12.22 3.65
CA ALA B 40 -6.29 -13.25 4.68
C ALA B 40 -6.80 -14.56 4.17
N HIS B 41 -7.65 -14.56 3.19
CA HIS B 41 -8.20 -15.89 2.70
C HIS B 41 -7.22 -16.76 2.00
N CYS B 42 -6.02 -16.29 1.85
CA CYS B 42 -5.00 -17.12 1.16
C CYS B 42 -4.40 -18.13 2.14
N PHE B 43 -4.64 -17.97 3.43
CA PHE B 43 -4.09 -18.89 4.48
C PHE B 43 -5.20 -19.63 5.27
N PRO B 44 -5.95 -20.46 4.60
CA PRO B 44 -6.96 -21.33 5.23
C PRO B 44 -6.21 -22.37 6.07
N GLU B 45 -6.94 -23.02 6.94
CA GLU B 45 -6.41 -24.09 7.86
C GLU B 45 -5.38 -25.02 7.26
N ARG B 46 -5.72 -25.55 6.11
CA ARG B 46 -4.79 -26.48 5.42
C ARG B 46 -3.56 -25.81 4.81
N ASN B 47 -3.43 -24.51 4.87
CA ASN B 47 -2.23 -23.88 4.26
C ASN B 47 -1.56 -23.02 5.26
N ARG B 48 -1.45 -23.54 6.43
CA ARG B 48 -0.78 -22.73 7.50
C ARG B 48 0.59 -23.20 8.02
N VAL B 49 1.30 -23.98 7.24
CA VAL B 49 2.65 -24.48 7.66
C VAL B 49 3.55 -23.52 6.92
N LEU B 50 3.94 -22.51 7.60
CA LEU B 50 4.82 -21.51 6.96
C LEU B 50 5.98 -22.09 6.16
N SER B 51 6.56 -23.15 6.62
CA SER B 51 7.71 -23.74 5.86
C SER B 51 7.37 -24.12 4.45
N ARG B 52 6.09 -24.28 4.22
CA ARG B 52 5.67 -24.67 2.86
C ARG B 52 5.35 -23.51 1.96
N TRP B 53 5.54 -22.31 2.45
CA TRP B 53 5.24 -21.11 1.59
C TRP B 53 6.54 -20.44 1.11
N ARG B 54 6.53 -19.90 -0.08
CA ARG B 54 7.70 -19.18 -0.65
C ARG B 54 7.10 -17.96 -1.29
N VAL B 55 7.87 -16.92 -1.40
CA VAL B 55 7.41 -15.66 -2.00
C VAL B 55 8.38 -15.46 -3.16
N PHE B 56 7.87 -15.43 -4.37
CA PHE B 56 8.67 -15.25 -5.61
C PHE B 56 8.54 -13.79 -6.01
N ALA B 57 9.64 -13.19 -6.31
CA ALA B 57 9.69 -11.75 -6.71
C ALA B 57 10.73 -11.42 -7.78
N GLY B 58 10.59 -10.28 -8.36
CA GLY B 58 11.53 -9.82 -9.41
C GLY B 58 11.41 -10.40 -10.79
N ALA B 59 10.38 -11.15 -11.08
CA ALA B 59 10.22 -11.74 -12.47
C ALA B 59 8.72 -11.67 -12.85
N VAL B 60 8.40 -11.66 -14.12
CA VAL B 60 6.98 -11.61 -14.59
C VAL B 60 6.61 -13.02 -15.11
N ALA B 61 7.60 -13.85 -15.33
CA ALA B 61 7.34 -15.22 -15.83
C ALA B 61 7.45 -16.13 -14.61
N GLN B 62 6.43 -16.90 -14.37
CA GLN B 62 6.45 -17.80 -13.19
C GLN B 62 7.60 -18.78 -13.26
N ALA B 63 8.07 -19.09 -14.43
CA ALA B 63 9.22 -20.05 -14.50
C ALA B 63 10.55 -19.32 -14.83
N SER B 64 10.69 -18.10 -14.37
CA SER B 64 11.98 -17.37 -14.67
C SER B 64 12.92 -17.98 -13.63
N PRO B 65 14.12 -18.33 -14.05
CA PRO B 65 15.18 -18.75 -13.09
C PRO B 65 15.84 -17.50 -12.45
N HIS B 66 15.49 -16.33 -12.93
CA HIS B 66 16.11 -15.07 -12.36
C HIS B 66 15.27 -14.32 -11.33
N GLY B 67 14.33 -14.96 -10.71
CA GLY B 67 13.53 -14.20 -9.70
C GLY B 67 14.06 -14.72 -8.38
N LEU B 68 13.67 -14.11 -7.30
CA LEU B 68 14.14 -14.55 -5.96
C LEU B 68 12.96 -15.20 -5.28
N GLN B 69 13.25 -16.14 -4.43
CA GLN B 69 12.22 -16.87 -3.67
C GLN B 69 12.61 -16.91 -2.20
N LEU B 70 11.92 -16.21 -1.33
CA LEU B 70 12.31 -16.26 0.11
C LEU B 70 11.21 -16.95 0.93
N GLY B 71 11.55 -17.24 2.15
CA GLY B 71 10.62 -17.91 3.04
C GLY B 71 9.84 -16.82 3.75
N VAL B 72 8.95 -17.35 4.51
CA VAL B 72 7.99 -16.61 5.35
C VAL B 72 8.33 -16.87 6.84
N GLN B 73 8.34 -15.84 7.61
CA GLN B 73 8.65 -15.95 9.06
C GLN B 73 7.32 -15.93 9.80
N ALA B 74 6.45 -15.08 9.38
CA ALA B 74 5.15 -14.99 10.04
C ALA B 74 4.07 -14.43 9.16
N VAL B 75 2.85 -14.70 9.54
CA VAL B 75 1.67 -14.19 8.78
C VAL B 75 0.82 -13.57 9.90
N VAL B 76 0.41 -12.34 9.72
CA VAL B 76 -0.42 -11.63 10.73
C VAL B 76 -1.72 -11.42 9.97
N TYR B 77 -2.82 -12.01 10.36
CA TYR B 77 -4.05 -11.75 9.58
C TYR B 77 -4.98 -10.96 10.46
N HIS B 78 -5.98 -10.43 9.82
CA HIS B 78 -6.99 -9.60 10.54
C HIS B 78 -7.96 -10.48 11.34
N GLY B 79 -7.99 -10.27 12.63
CA GLY B 79 -8.90 -11.05 13.51
C GLY B 79 -10.35 -10.85 13.11
N GLY B 80 -10.68 -9.74 12.47
CA GLY B 80 -12.12 -9.55 12.07
C GLY B 80 -12.50 -10.38 10.81
N TYR B 81 -11.62 -11.22 10.32
CA TYR B 81 -11.98 -12.02 9.12
C TYR B 81 -12.70 -13.21 9.71
N LEU B 82 -13.95 -12.94 9.95
CA LEU B 82 -14.88 -13.96 10.55
C LEU B 82 -14.75 -15.34 9.93
N PRO B 83 -14.66 -15.48 8.63
CA PRO B 83 -14.55 -16.81 7.99
C PRO B 83 -13.56 -17.75 8.70
N PHE B 84 -12.55 -17.21 9.33
CA PHE B 84 -11.57 -18.11 10.01
C PHE B 84 -11.94 -18.49 11.43
N ASN B 92 -16.72 -11.75 4.38
CA ASN B 92 -15.49 -11.35 3.60
C ASN B 92 -14.86 -10.07 4.01
N SER B 93 -15.34 -9.38 5.02
CA SER B 93 -14.67 -8.10 5.36
C SER B 93 -13.43 -8.48 6.16
N ASN B 94 -12.52 -7.56 6.08
CA ASN B 94 -11.21 -7.66 6.77
C ASN B 94 -10.39 -8.78 6.10
N ASP B 95 -10.47 -8.83 4.80
CA ASP B 95 -9.72 -9.87 4.04
C ASP B 95 -8.39 -9.20 3.65
N ILE B 96 -7.56 -9.17 4.66
CA ILE B 96 -6.21 -8.58 4.55
C ILE B 96 -5.24 -9.34 5.52
N ALA B 97 -3.99 -9.43 5.15
CA ALA B 97 -2.98 -10.11 6.01
C ALA B 97 -1.62 -9.55 5.61
N LEU B 98 -0.67 -9.71 6.48
CA LEU B 98 0.71 -9.23 6.26
C LEU B 98 1.60 -10.47 6.37
N VAL B 99 2.58 -10.53 5.52
CA VAL B 99 3.50 -11.68 5.49
C VAL B 99 4.86 -11.07 5.72
N HIS B 100 5.54 -11.61 6.69
CA HIS B 100 6.90 -11.13 7.05
C HIS B 100 7.86 -12.15 6.43
N LEU B 101 8.71 -11.72 5.56
CA LEU B 101 9.67 -12.67 4.92
C LEU B 101 10.79 -13.02 5.92
N SER B 102 11.42 -14.14 5.74
CA SER B 102 12.51 -14.53 6.67
C SER B 102 13.72 -13.58 6.52
N SER B 103 13.93 -12.99 5.38
CA SER B 103 15.08 -12.06 5.21
C SER B 103 14.55 -11.08 4.18
N PRO B 104 15.07 -9.88 4.13
CA PRO B 104 14.62 -8.90 3.14
C PRO B 104 15.09 -9.11 1.70
N LEU B 105 14.26 -8.64 0.81
CA LEU B 105 14.56 -8.75 -0.62
C LEU B 105 15.40 -7.52 -0.84
N PRO B 106 16.37 -7.60 -1.72
CA PRO B 106 17.07 -6.39 -2.25
C PRO B 106 16.07 -5.58 -3.02
N LEU B 107 16.27 -4.32 -3.09
CA LEU B 107 15.31 -3.50 -3.86
C LEU B 107 16.10 -3.12 -5.05
N THR B 108 15.63 -3.49 -6.20
CA THR B 108 16.36 -3.16 -7.43
C THR B 108 15.34 -2.52 -8.37
N GLU B 109 15.72 -2.45 -9.60
CA GLU B 109 14.78 -1.83 -10.57
C GLU B 109 13.64 -2.78 -10.87
N TYR B 110 13.70 -3.96 -10.33
CA TYR B 110 12.63 -4.95 -10.55
C TYR B 110 11.93 -5.34 -9.27
N ILE B 111 12.39 -4.88 -8.14
CA ILE B 111 11.76 -5.22 -6.84
C ILE B 111 11.74 -3.85 -6.19
N GLN B 112 10.56 -3.33 -5.96
CA GLN B 112 10.33 -1.98 -5.33
C GLN B 112 9.07 -2.06 -4.51
N PRO B 113 8.98 -1.39 -3.37
CA PRO B 113 7.68 -1.34 -2.65
C PRO B 113 6.69 -0.33 -3.27
N VAL B 114 5.46 -0.60 -2.99
CA VAL B 114 4.37 0.30 -3.50
C VAL B 114 3.99 1.18 -2.27
N CYS B 115 3.35 2.30 -2.55
CA CYS B 115 2.94 3.21 -1.45
C CYS B 115 1.57 2.93 -0.94
N LEU B 116 1.25 3.53 0.20
CA LEU B 116 -0.09 3.32 0.80
C LEU B 116 -0.78 4.64 0.50
N PRO B 117 -2.10 4.66 0.52
CA PRO B 117 -2.86 5.95 0.53
C PRO B 117 -2.45 6.85 1.70
N ALA B 118 -2.45 8.13 1.44
CA ALA B 118 -2.08 9.11 2.49
C ALA B 118 -3.28 9.20 3.40
N ALA B 119 -3.07 9.73 4.56
CA ALA B 119 -4.21 9.84 5.55
C ALA B 119 -5.28 10.75 4.94
N GLY B 120 -6.50 10.36 5.08
CA GLY B 120 -7.57 11.19 4.52
C GLY B 120 -7.68 11.05 3.01
N GLN B 121 -6.76 10.37 2.36
CA GLN B 121 -6.88 10.23 0.89
C GLN B 121 -8.01 9.25 0.58
N ALA B 122 -9.01 9.71 -0.15
CA ALA B 122 -10.17 8.81 -0.49
C ALA B 122 -10.16 8.31 -1.95
N LEU B 123 -10.97 7.30 -2.17
CA LEU B 123 -11.08 6.72 -3.52
C LEU B 123 -11.91 7.65 -4.39
N VAL B 124 -11.52 7.70 -5.61
CA VAL B 124 -12.19 8.53 -6.61
C VAL B 124 -13.04 7.54 -7.45
N ASP B 125 -14.31 7.54 -7.23
CA ASP B 125 -15.18 6.61 -8.03
C ASP B 125 -14.96 6.94 -9.51
N GLY B 126 -14.95 5.96 -10.39
CA GLY B 126 -14.75 6.31 -11.81
C GLY B 126 -13.27 6.34 -12.21
N LYS B 127 -12.37 6.57 -11.28
CA LYS B 127 -10.94 6.59 -11.66
C LYS B 127 -10.55 5.19 -12.15
N ILE B 128 -9.70 5.17 -13.12
CA ILE B 128 -9.21 3.90 -13.73
C ILE B 128 -7.83 3.56 -13.12
N CYS B 129 -7.80 2.43 -12.49
CA CYS B 129 -6.56 1.94 -11.85
C CYS B 129 -6.18 0.65 -12.55
N THR B 130 -5.12 0.05 -12.13
CA THR B 130 -4.59 -1.23 -12.71
C THR B 130 -4.60 -2.34 -11.70
N VAL B 131 -4.84 -3.53 -12.16
CA VAL B 131 -4.86 -4.70 -11.31
C VAL B 131 -3.92 -5.67 -12.15
N THR B 132 -3.04 -6.35 -11.43
CA THR B 132 -2.10 -7.32 -12.01
C THR B 132 -2.15 -8.67 -11.24
N GLY B 133 -1.69 -9.68 -11.93
CA GLY B 133 -1.66 -11.02 -11.35
C GLY B 133 -1.40 -12.10 -12.39
N TRP B 134 -1.25 -13.26 -11.82
CA TRP B 134 -0.97 -14.56 -12.57
C TRP B 134 -2.14 -15.50 -12.45
N GLY B 135 -3.30 -15.02 -12.10
CA GLY B 135 -4.46 -15.93 -11.97
C GLY B 135 -5.03 -16.28 -13.34
N ASN B 136 -6.02 -17.12 -13.30
CA ASN B 136 -6.69 -17.59 -14.55
C ASN B 136 -7.06 -16.49 -15.49
N THR B 137 -6.96 -16.79 -16.76
CA THR B 137 -7.31 -15.80 -17.79
C THR B 137 -8.73 -16.03 -18.30
N GLN B 138 -9.37 -17.02 -17.72
CA GLN B 138 -10.75 -17.47 -17.99
C GLN B 138 -11.06 -18.24 -16.74
N TYR B 139 -12.28 -18.18 -16.31
CA TYR B 139 -12.69 -18.90 -15.10
C TYR B 139 -12.37 -20.39 -15.21
N TYR B 140 -12.74 -21.02 -16.31
CA TYR B 140 -12.44 -22.49 -16.49
C TYR B 140 -11.19 -22.54 -17.37
N GLY B 141 -10.27 -21.65 -17.05
CA GLY B 141 -8.96 -21.50 -17.78
C GLY B 141 -7.77 -21.84 -16.88
N GLN B 142 -6.62 -21.50 -17.35
CA GLN B 142 -5.39 -21.79 -16.58
C GLN B 142 -4.76 -20.48 -16.16
N GLN B 143 -3.89 -20.59 -15.21
CA GLN B 143 -3.19 -19.39 -14.70
C GLN B 143 -2.34 -18.85 -15.81
N ALA B 144 -1.92 -17.63 -15.65
CA ALA B 144 -1.07 -16.98 -16.68
C ALA B 144 0.40 -17.32 -16.39
N GLY B 145 1.13 -17.49 -17.46
CA GLY B 145 2.58 -17.82 -17.36
C GLY B 145 3.37 -16.56 -17.17
N VAL B 146 2.84 -15.47 -17.67
CA VAL B 146 3.50 -14.15 -17.56
C VAL B 146 2.45 -13.30 -16.86
N LEU B 147 2.96 -12.45 -16.03
CA LEU B 147 2.11 -11.56 -15.25
C LEU B 147 1.23 -10.76 -16.25
N GLN B 148 -0.03 -10.58 -15.91
CA GLN B 148 -0.98 -9.83 -16.79
C GLN B 148 -1.39 -8.53 -16.09
N GLU B 149 -1.74 -7.54 -16.84
CA GLU B 149 -2.18 -6.26 -16.24
C GLU B 149 -3.47 -5.85 -16.95
N ALA B 150 -4.34 -5.14 -16.27
CA ALA B 150 -5.64 -4.67 -16.87
C ALA B 150 -6.01 -3.38 -16.11
N ARG B 151 -6.75 -2.52 -16.76
CA ARG B 151 -7.22 -1.23 -16.23
C ARG B 151 -8.72 -1.36 -16.03
N VAL B 152 -9.18 -0.97 -14.87
CA VAL B 152 -10.63 -1.04 -14.55
C VAL B 152 -10.93 0.17 -13.69
N PRO B 153 -12.12 0.73 -13.86
CA PRO B 153 -12.58 1.81 -12.97
C PRO B 153 -13.31 1.36 -11.69
N ILE B 154 -13.22 2.27 -10.74
CA ILE B 154 -13.83 2.09 -9.44
C ILE B 154 -15.31 2.34 -9.74
N ILE B 155 -16.15 1.52 -9.19
CA ILE B 155 -17.64 1.57 -9.35
C ILE B 155 -18.15 2.11 -7.97
N SER B 156 -19.24 2.81 -7.92
CA SER B 156 -19.67 3.30 -6.59
C SER B 156 -20.40 2.20 -5.88
N ASN B 157 -20.49 2.38 -4.62
CA ASN B 157 -21.19 1.38 -3.79
C ASN B 157 -22.70 1.38 -4.04
N ASP B 158 -23.20 2.54 -4.35
CA ASP B 158 -24.68 2.61 -4.60
C ASP B 158 -24.99 1.72 -5.76
N VAL B 159 -24.12 1.74 -6.75
CA VAL B 159 -24.34 0.88 -7.94
C VAL B 159 -23.98 -0.56 -7.57
N CYS B 160 -22.82 -0.77 -7.04
CA CYS B 160 -22.50 -2.21 -6.73
C CYS B 160 -23.43 -2.90 -5.76
N ASN B 161 -24.00 -2.18 -4.82
CA ASN B 161 -24.93 -2.90 -3.87
C ASN B 161 -26.34 -3.01 -4.44
N GLY B 162 -26.53 -2.57 -5.64
CA GLY B 162 -27.88 -2.68 -6.21
C GLY B 162 -28.18 -4.14 -6.37
N ALA B 163 -29.44 -4.42 -6.27
CA ALA B 163 -29.92 -5.81 -6.41
C ALA B 163 -29.46 -6.42 -7.74
N ASP B 164 -29.04 -5.64 -8.69
CA ASP B 164 -28.58 -6.28 -9.98
C ASP B 164 -27.07 -6.58 -9.96
N PHE B 165 -26.40 -6.10 -8.96
CA PHE B 165 -24.95 -6.34 -8.86
C PHE B 165 -24.77 -7.25 -7.71
N TYR B 166 -24.40 -6.77 -6.57
CA TYR B 166 -24.19 -7.69 -5.41
C TYR B 166 -25.16 -7.44 -4.32
N GLY B 167 -26.31 -7.01 -4.69
CA GLY B 167 -27.41 -6.70 -3.73
C GLY B 167 -27.10 -6.72 -2.23
N ASN B 168 -26.52 -5.64 -1.79
CA ASN B 168 -26.14 -5.46 -0.34
C ASN B 168 -25.07 -6.34 0.29
N GLN B 169 -24.16 -6.84 -0.49
CA GLN B 169 -23.07 -7.72 0.08
C GLN B 169 -21.75 -6.90 0.17
N ILE B 170 -21.72 -5.73 -0.40
CA ILE B 170 -20.49 -4.89 -0.39
C ILE B 170 -20.59 -4.06 0.90
N LYS B 171 -19.79 -4.47 1.84
CA LYS B 171 -19.74 -3.80 3.14
C LYS B 171 -18.80 -2.61 2.98
N PRO B 172 -18.77 -1.73 3.95
CA PRO B 172 -18.06 -0.41 3.82
C PRO B 172 -16.51 -0.46 3.68
N LYS B 173 -15.88 -1.54 4.08
CA LYS B 173 -14.41 -1.50 3.90
C LYS B 173 -14.01 -2.35 2.66
N MET B 174 -14.83 -2.34 1.65
CA MET B 174 -14.52 -3.07 0.41
C MET B 174 -15.09 -2.20 -0.66
N PHE B 175 -14.71 -2.44 -1.89
CA PHE B 175 -15.23 -1.63 -3.05
C PHE B 175 -15.16 -2.50 -4.27
N CYS B 176 -15.87 -2.09 -5.27
CA CYS B 176 -15.90 -2.85 -6.54
C CYS B 176 -15.19 -2.13 -7.64
N ALA B 177 -14.65 -2.85 -8.57
CA ALA B 177 -13.96 -2.15 -9.67
C ALA B 177 -14.29 -3.04 -10.82
N GLY B 178 -14.47 -2.43 -11.94
CA GLY B 178 -14.81 -3.22 -13.15
C GLY B 178 -15.71 -2.47 -14.15
N TYR B 179 -16.20 -3.19 -15.13
CA TYR B 179 -17.08 -2.66 -16.21
C TYR B 179 -18.47 -3.26 -16.03
N PRO B 180 -19.55 -2.51 -16.06
CA PRO B 180 -20.92 -3.07 -15.93
C PRO B 180 -21.11 -4.20 -16.90
N GLU B 181 -20.48 -3.98 -18.00
CA GLU B 181 -20.52 -4.96 -19.10
C GLU B 181 -19.72 -6.28 -18.83
N GLY B 182 -18.74 -6.26 -18.00
CA GLY B 182 -17.97 -7.53 -17.73
C GLY B 182 -16.82 -7.49 -18.75
N GLY B 183 -16.18 -8.60 -19.02
CA GLY B 183 -15.05 -8.56 -20.03
C GLY B 183 -13.60 -8.49 -19.50
N ILE B 184 -13.38 -7.59 -18.56
CA ILE B 184 -12.02 -7.38 -17.95
C ILE B 184 -12.27 -7.55 -16.46
N ASP B 185 -11.52 -8.42 -15.82
CA ASP B 185 -11.69 -8.64 -14.36
C ASP B 185 -10.52 -9.50 -13.82
N ALA B 186 -10.49 -9.61 -12.54
CA ALA B 186 -9.48 -10.40 -11.81
C ALA B 186 -10.12 -11.77 -11.70
N CYS B 187 -9.39 -12.76 -11.30
CA CYS B 187 -10.00 -14.08 -11.18
C CYS B 187 -9.15 -14.88 -10.20
N GLN B 188 -9.51 -16.11 -10.09
CA GLN B 188 -8.83 -17.09 -9.20
C GLN B 188 -7.29 -17.05 -9.40
N GLY B 189 -6.57 -16.81 -8.35
CA GLY B 189 -5.08 -16.75 -8.45
C GLY B 189 -4.59 -15.30 -8.37
N ASP B 190 -5.50 -14.38 -8.57
CA ASP B 190 -5.13 -12.95 -8.50
C ASP B 190 -5.39 -12.46 -7.06
N SER B 191 -6.15 -13.24 -6.31
CA SER B 191 -6.46 -12.87 -4.89
C SER B 191 -5.21 -12.47 -4.12
N GLY B 192 -5.33 -11.46 -3.30
CA GLY B 192 -4.18 -10.99 -2.49
C GLY B 192 -3.41 -9.94 -3.22
N GLY B 193 -3.50 -9.93 -4.50
CA GLY B 193 -2.73 -8.93 -5.28
C GLY B 193 -3.17 -7.50 -5.31
N PRO B 194 -2.40 -6.70 -6.01
CA PRO B 194 -2.58 -5.27 -6.10
C PRO B 194 -3.59 -4.63 -7.05
N PHE B 195 -4.20 -3.60 -6.56
CA PHE B 195 -5.20 -2.79 -7.30
C PHE B 195 -4.50 -1.45 -6.98
N VAL B 196 -3.84 -0.87 -7.94
CA VAL B 196 -3.12 0.39 -7.75
C VAL B 196 -3.53 1.57 -8.63
N CYS B 197 -3.53 2.73 -8.02
CA CYS B 197 -3.90 3.98 -8.75
C CYS B 197 -2.72 4.94 -8.65
N GLU B 198 -2.48 5.73 -9.63
CA GLU B 198 -1.34 6.69 -9.61
C GLU B 198 -1.81 8.13 -9.40
N ASP B 199 -1.08 8.86 -8.60
CA ASP B 199 -1.42 10.29 -8.29
C ASP B 199 -0.14 11.09 -8.12
N SER B 200 -0.26 12.38 -8.12
CA SER B 200 0.92 13.29 -7.95
C SER B 200 0.71 14.24 -6.71
N ILE B 201 0.01 13.76 -5.69
CA ILE B 201 -0.22 14.64 -4.51
C ILE B 201 1.06 14.86 -3.74
N SER B 202 2.04 14.02 -3.92
CA SER B 202 3.32 14.23 -3.19
C SER B 202 4.23 14.99 -4.17
N ARG B 203 3.60 15.62 -5.14
CA ARG B 203 4.29 16.41 -6.19
C ARG B 203 5.04 15.44 -7.14
N THR B 204 5.14 14.18 -6.86
CA THR B 204 5.84 13.21 -7.76
C THR B 204 4.73 12.18 -8.04
N PRO B 205 4.55 11.71 -9.25
CA PRO B 205 3.63 10.58 -9.49
C PRO B 205 4.08 9.32 -8.82
N ARG B 206 3.21 8.76 -8.05
CA ARG B 206 3.50 7.51 -7.33
C ARG B 206 2.27 6.61 -7.45
N TRP B 207 2.49 5.34 -7.40
CA TRP B 207 1.39 4.35 -7.50
C TRP B 207 1.17 3.98 -6.03
N ARG B 208 -0.07 3.84 -5.64
CA ARG B 208 -0.42 3.49 -4.24
C ARG B 208 -1.33 2.26 -4.29
N LEU B 209 -1.30 1.50 -3.25
CA LEU B 209 -2.12 0.27 -3.16
C LEU B 209 -3.47 0.73 -2.58
N CYS B 210 -4.48 0.78 -3.44
CA CYS B 210 -5.85 1.20 -3.00
C CYS B 210 -6.72 0.00 -2.69
N GLY B 211 -6.46 -1.13 -3.31
CA GLY B 211 -7.29 -2.32 -3.01
C GLY B 211 -6.45 -3.58 -3.08
N ILE B 212 -7.01 -4.63 -2.54
CA ILE B 212 -6.43 -5.99 -2.48
C ILE B 212 -7.48 -6.82 -3.15
N VAL B 213 -7.09 -7.57 -4.16
CA VAL B 213 -8.03 -8.46 -4.91
C VAL B 213 -8.66 -9.42 -3.89
N SER B 214 -9.95 -9.36 -3.68
CA SER B 214 -10.58 -10.28 -2.67
C SER B 214 -11.63 -11.29 -3.23
N TRP B 215 -12.67 -10.87 -3.89
CA TRP B 215 -13.65 -11.89 -4.38
C TRP B 215 -14.62 -11.34 -5.48
N GLY B 216 -15.47 -12.21 -5.90
CA GLY B 216 -16.47 -11.86 -6.94
C GLY B 216 -17.24 -13.14 -7.29
N THR B 217 -18.25 -13.00 -8.09
CA THR B 217 -19.07 -14.17 -8.54
C THR B 217 -18.51 -14.42 -9.94
N GLY B 218 -17.92 -15.59 -10.11
CA GLY B 218 -17.32 -16.01 -11.39
C GLY B 218 -16.29 -14.93 -11.72
N CYS B 219 -16.03 -14.78 -12.98
CA CYS B 219 -15.06 -13.78 -13.42
C CYS B 219 -15.48 -13.18 -14.74
N ALA B 220 -15.31 -11.90 -14.82
CA ALA B 220 -15.61 -11.03 -16.00
C ALA B 220 -17.08 -11.06 -16.48
N LEU B 221 -17.99 -11.42 -15.62
CA LEU B 221 -19.45 -11.46 -15.98
C LEU B 221 -19.98 -9.98 -15.88
N ALA B 222 -21.03 -9.70 -16.59
CA ALA B 222 -21.58 -8.33 -16.54
C ALA B 222 -22.31 -8.29 -15.19
N GLN B 223 -22.32 -7.13 -14.63
CA GLN B 223 -22.96 -6.85 -13.32
C GLN B 223 -22.39 -7.60 -12.10
N LYS B 224 -21.28 -8.29 -12.25
CA LYS B 224 -20.63 -9.05 -11.10
C LYS B 224 -19.10 -8.66 -11.16
N PRO B 225 -18.85 -7.41 -10.86
CA PRO B 225 -17.47 -6.80 -10.95
C PRO B 225 -16.58 -7.44 -9.87
N GLY B 226 -15.37 -6.97 -9.74
CA GLY B 226 -14.52 -7.61 -8.70
C GLY B 226 -14.65 -6.80 -7.43
N VAL B 227 -14.46 -7.46 -6.32
CA VAL B 227 -14.55 -6.79 -4.98
C VAL B 227 -13.11 -6.80 -4.34
N TYR B 228 -12.74 -5.62 -3.90
CA TYR B 228 -11.43 -5.39 -3.28
C TYR B 228 -11.55 -4.92 -1.84
N THR B 229 -10.52 -5.18 -1.09
CA THR B 229 -10.47 -4.76 0.32
C THR B 229 -10.03 -3.29 0.15
N LYS B 230 -10.58 -2.36 0.89
CA LYS B 230 -10.20 -0.93 0.77
C LYS B 230 -9.08 -0.73 1.78
N VAL B 231 -7.91 -0.57 1.24
CA VAL B 231 -6.68 -0.39 2.07
C VAL B 231 -6.69 0.87 2.93
N SER B 232 -7.20 1.97 2.44
CA SER B 232 -7.20 3.18 3.29
C SER B 232 -7.81 2.93 4.69
N ASP B 233 -8.78 2.04 4.77
CA ASP B 233 -9.42 1.76 6.08
C ASP B 233 -8.61 0.85 6.96
N PHE B 234 -7.46 0.41 6.51
CA PHE B 234 -6.60 -0.52 7.34
C PHE B 234 -5.22 0.04 7.61
N ARG B 235 -5.01 1.25 7.20
CA ARG B 235 -3.70 1.93 7.40
C ARG B 235 -3.17 1.76 8.85
N GLU B 236 -3.99 2.10 9.81
CA GLU B 236 -3.57 1.98 11.24
C GLU B 236 -3.35 0.55 11.65
N TRP B 237 -4.13 -0.36 11.10
CA TRP B 237 -3.97 -1.81 11.44
C TRP B 237 -2.55 -2.22 10.94
N ILE B 238 -2.24 -1.81 9.73
CA ILE B 238 -0.92 -2.15 9.10
C ILE B 238 0.22 -1.52 9.91
N PHE B 239 0.16 -0.25 10.20
CA PHE B 239 1.25 0.38 10.99
C PHE B 239 1.39 -0.37 12.31
N GLN B 240 0.29 -0.60 12.95
CA GLN B 240 0.35 -1.33 14.25
C GLN B 240 1.06 -2.68 14.11
N ALA B 241 0.44 -3.52 13.34
CA ALA B 241 0.93 -4.91 13.06
C ALA B 241 2.41 -5.02 12.82
N ILE B 242 2.88 -4.14 12.00
CA ILE B 242 4.31 -4.17 11.69
C ILE B 242 5.13 -3.79 12.89
N LYS B 243 4.70 -2.85 13.67
CA LYS B 243 5.55 -2.50 14.86
C LYS B 243 5.43 -3.70 15.77
N THR B 244 4.25 -3.86 16.22
CA THR B 244 3.92 -4.98 17.12
C THR B 244 4.55 -6.39 16.84
N HIS B 245 4.43 -6.86 15.62
CA HIS B 245 4.97 -8.22 15.25
C HIS B 245 6.23 -8.33 14.39
N SER B 246 7.08 -7.36 14.48
CA SER B 246 8.33 -7.41 13.67
C SER B 246 9.22 -8.64 13.95
N GLU B 247 9.22 -9.03 15.19
CA GLU B 247 10.04 -10.20 15.64
C GLU B 247 9.10 -11.38 15.88
N ALA B 248 8.03 -11.51 15.13
CA ALA B 248 7.12 -12.69 15.40
C ALA B 248 7.36 -13.79 14.34
N SER B 249 7.02 -14.99 14.74
CA SER B 249 7.17 -16.18 13.87
C SER B 249 5.78 -16.89 14.01
N GLY B 250 5.28 -17.50 12.96
CA GLY B 250 3.96 -18.19 13.08
C GLY B 250 2.82 -17.42 12.37
N MET B 251 1.63 -17.85 12.68
CA MET B 251 0.33 -17.30 12.15
C MET B 251 -0.22 -16.52 13.37
N VAL B 252 -0.32 -15.23 13.32
CA VAL B 252 -0.83 -14.47 14.47
C VAL B 252 -2.00 -13.68 13.88
N THR B 253 -2.85 -13.16 14.72
CA THR B 253 -4.00 -12.36 14.22
C THR B 253 -3.93 -11.04 14.97
N GLN B 254 -4.28 -9.97 14.33
CA GLN B 254 -4.29 -8.62 14.97
C GLN B 254 -5.67 -8.16 14.52
N LEU B 255 -6.33 -7.40 15.34
CA LEU B 255 -7.70 -6.88 15.03
C LEU B 255 -7.47 -5.38 14.74
#